data_5DQS
#
_entry.id   5DQS
#
_cell.length_a   50.788
_cell.length_b   50.788
_cell.length_c   187.439
_cell.angle_alpha   90.00
_cell.angle_beta   90.00
_cell.angle_gamma   120.00
#
_symmetry.space_group_name_H-M   'P 32 2 1'
#
loop_
_entity.id
_entity.type
_entity.pdbx_description
1 polymer 'Elongation factor 1-gamma'
2 polymer 'Elongation factor 1-beta'
3 water water
#
loop_
_entity_poly.entity_id
_entity_poly.type
_entity_poly.pdbx_seq_one_letter_code
_entity_poly.pdbx_strand_id
1 'polypeptide(L)'
;GA(MSE)AAGTLYTYPENWRAFKALIAAQYSGAQVRVLSAPPHFHFGQTNRTPEFLRKFPAGKVPAFEGDDGFCVFESNA
IAYYVSNEELRGSTPEAAAQVVQWVSFADSDIVPPASTWVFPTLGI(MSE)HHNKQATENAKEEVRRILGLLDAYLKTRT
FLVGERVTLADITVVCTLLWLYKQVLEPSFRQAFPNTNRWFLTCINQPQFRAVLGEVKLCEK(MSE)AQFDA
;
A
2 'polypeptide(L)'
;GAMGFGDLKSPAGLQVLNDYLADKSYIEGYVPSQADVAVFEAVSSPPPADLCHALRWYNHIKSYEKEKASLPGVKKALGK
YGPADVEDTT
;
D
#
# COMPACT_ATOMS: atom_id res chain seq x y z
N ALA A 2 -3.36 -20.11 16.87
CA ALA A 2 -3.45 -19.66 15.49
C ALA A 2 -2.92 -18.23 15.32
N MSE A 3 -3.83 -17.27 15.16
CA MSE A 3 -3.43 -15.88 15.02
C MSE A 3 -3.17 -15.25 16.39
O MSE A 3 -3.82 -15.60 17.37
CB MSE A 3 -4.49 -15.08 14.25
CG MSE A 3 -4.56 -15.45 12.77
SE MSE A 3 -2.81 -15.37 11.90
CE MSE A 3 -2.52 -17.27 11.60
N ALA A 4 -2.21 -14.32 16.43
CA ALA A 4 -1.81 -13.69 17.69
C ALA A 4 -2.95 -12.92 18.35
N ALA A 5 -2.81 -12.72 19.66
CA ALA A 5 -3.81 -11.99 20.43
C ALA A 5 -3.12 -11.28 21.60
N GLY A 6 -3.29 -9.97 21.67
CA GLY A 6 -2.62 -9.21 22.71
C GLY A 6 -2.80 -7.71 22.64
N THR A 7 -1.91 -7.00 23.31
CA THR A 7 -2.03 -5.56 23.49
C THR A 7 -0.94 -4.80 22.77
N LEU A 8 -1.33 -3.76 22.04
CA LEU A 8 -0.38 -2.90 21.35
C LEU A 8 -0.32 -1.52 21.98
N TYR A 9 0.77 -1.24 22.68
CA TYR A 9 0.98 0.08 23.29
C TYR A 9 1.62 1.01 22.27
N THR A 10 1.03 2.18 22.10
CA THR A 10 1.52 3.18 21.16
C THR A 10 0.88 4.52 21.46
N TYR A 11 1.43 5.58 20.87
CA TYR A 11 0.75 6.87 20.91
C TYR A 11 -0.24 6.93 19.75
N PRO A 12 -1.32 7.74 19.89
CA PRO A 12 -2.40 7.76 18.88
C PRO A 12 -1.89 8.11 17.49
N GLU A 13 -2.53 7.53 16.47
CA GLU A 13 -2.20 7.81 15.07
C GLU A 13 -0.70 7.64 14.77
N ASN A 14 -0.12 6.55 15.29
CA ASN A 14 1.27 6.21 15.03
C ASN A 14 1.37 5.40 13.75
N TRP A 15 2.07 5.95 12.75
CA TRP A 15 2.21 5.28 11.47
C TRP A 15 3.00 3.98 11.60
N ARG A 16 3.79 3.87 12.67
CA ARG A 16 4.54 2.65 12.95
C ARG A 16 3.63 1.56 13.53
N ALA A 17 2.63 1.98 14.30
CA ALA A 17 1.67 1.05 14.86
C ALA A 17 0.69 0.61 13.77
N PHE A 18 0.50 1.50 12.80
CA PHE A 18 -0.40 1.24 11.68
C PHE A 18 -0.01 0.00 10.88
N LYS A 19 1.30 -0.25 10.78
CA LYS A 19 1.80 -1.43 10.08
C LYS A 19 1.24 -2.72 10.67
N ALA A 20 1.24 -2.79 12.00
CA ALA A 20 0.77 -3.97 12.72
C ALA A 20 -0.76 -4.03 12.77
N LEU A 21 -1.40 -2.87 12.76
CA LEU A 21 -2.86 -2.80 12.79
C LEU A 21 -3.49 -3.18 11.46
N ILE A 22 -2.86 -2.76 10.36
CA ILE A 22 -3.31 -3.11 9.02
C ILE A 22 -3.11 -4.59 8.75
N ALA A 23 -1.94 -5.10 9.12
CA ALA A 23 -1.63 -6.52 8.95
C ALA A 23 -2.63 -7.40 9.70
N ALA A 24 -3.00 -6.98 10.90
CA ALA A 24 -3.97 -7.71 11.72
C ALA A 24 -5.35 -7.78 11.05
N GLN A 25 -5.68 -6.75 10.29
CA GLN A 25 -6.93 -6.73 9.53
C GLN A 25 -6.96 -7.85 8.49
N TYR A 26 -5.79 -8.16 7.92
CA TYR A 26 -5.65 -9.24 6.95
C TYR A 26 -5.66 -10.61 7.63
N SER A 27 -4.96 -10.71 8.75
CA SER A 27 -4.73 -12.00 9.41
C SER A 27 -5.89 -12.43 10.30
N GLY A 28 -6.55 -11.46 10.92
CA GLY A 28 -7.62 -11.77 11.87
C GLY A 28 -7.09 -11.76 13.29
N ALA A 29 -5.82 -11.41 13.43
CA ALA A 29 -5.22 -11.24 14.74
C ALA A 29 -5.99 -10.18 15.51
N GLN A 30 -6.28 -10.45 16.77
CA GLN A 30 -7.05 -9.53 17.59
C GLN A 30 -6.13 -8.66 18.43
N VAL A 31 -5.79 -7.49 17.90
CA VAL A 31 -4.83 -6.60 18.54
C VAL A 31 -5.50 -5.41 19.23
N ARG A 32 -5.32 -5.33 20.55
CA ARG A 32 -5.86 -4.23 21.35
C ARG A 32 -4.89 -3.06 21.38
N VAL A 33 -5.41 -1.84 21.25
CA VAL A 33 -4.56 -0.64 21.26
C VAL A 33 -4.78 0.16 22.54
N LEU A 34 -3.69 0.43 23.26
CA LEU A 34 -3.73 1.28 24.44
C LEU A 34 -2.90 2.53 24.14
N SER A 35 -3.57 3.67 24.00
CA SER A 35 -2.94 4.88 23.52
C SER A 35 -3.19 6.10 24.40
N ALA A 36 -4.43 6.25 24.87
CA ALA A 36 -4.80 7.39 25.70
C ALA A 36 -4.18 7.30 27.08
N PHE A 42 -1.83 6.11 29.27
CA PHE A 42 -0.59 5.96 28.55
C PHE A 42 0.07 7.31 28.38
N GLY A 43 1.05 7.42 27.50
CA GLY A 43 1.69 8.69 27.21
C GLY A 43 3.20 8.69 27.28
N GLN A 44 3.72 8.71 28.50
CA GLN A 44 5.13 8.55 28.81
C GLN A 44 5.31 7.31 29.66
N THR A 45 4.36 6.40 29.54
CA THR A 45 4.32 5.18 30.31
C THR A 45 5.43 4.27 29.88
N ASN A 46 6.05 4.58 28.75
CA ASN A 46 7.10 3.75 28.25
C ASN A 46 8.26 3.75 29.20
N ARG A 47 8.34 4.72 30.08
CA ARG A 47 9.44 4.80 31.04
C ARG A 47 9.18 4.14 32.39
N THR A 48 8.02 3.53 32.57
CA THR A 48 7.73 2.86 33.83
C THR A 48 8.65 1.65 33.94
N PRO A 49 9.00 1.21 35.13
CA PRO A 49 9.93 0.07 35.22
C PRO A 49 9.40 -1.19 34.57
N GLU A 50 8.12 -1.46 34.76
CA GLU A 50 7.56 -2.66 34.23
C GLU A 50 7.68 -2.68 32.72
N PHE A 51 7.40 -1.53 32.16
CA PHE A 51 7.41 -1.38 30.73
C PHE A 51 8.80 -1.65 30.29
N LEU A 52 9.76 -1.12 31.01
CA LEU A 52 11.13 -1.24 30.58
C LEU A 52 11.55 -2.66 30.58
N ARG A 53 11.13 -3.43 31.58
CA ARG A 53 11.54 -4.83 31.60
C ARG A 53 11.05 -5.45 30.31
N LYS A 54 9.75 -5.31 30.10
CA LYS A 54 9.16 -6.01 28.99
C LYS A 54 9.75 -5.57 27.70
N PHE A 55 10.03 -4.29 27.61
CA PHE A 55 10.52 -3.71 26.40
C PHE A 55 11.67 -2.82 26.77
N PRO A 56 12.89 -3.49 26.92
CA PRO A 56 13.97 -2.59 27.38
C PRO A 56 14.31 -1.32 26.54
N ALA A 57 14.02 -1.30 25.25
CA ALA A 57 14.33 -0.22 24.31
C ALA A 57 13.62 1.08 24.66
N GLY A 58 12.47 0.96 25.33
CA GLY A 58 11.70 2.13 25.72
C GLY A 58 10.96 2.74 24.55
N LYS A 59 11.04 2.09 23.41
CA LYS A 59 10.37 2.52 22.20
C LYS A 59 8.91 2.14 22.22
N VAL A 60 8.17 2.70 21.29
CA VAL A 60 6.82 2.28 21.04
C VAL A 60 6.85 2.34 19.53
N PRO A 61 6.03 1.50 18.75
CA PRO A 61 5.10 0.63 19.49
C PRO A 61 5.72 -0.58 20.13
N ALA A 62 5.00 -1.17 21.08
CA ALA A 62 5.42 -2.39 21.74
C ALA A 62 4.25 -3.34 21.90
N PHE A 63 4.48 -4.64 21.78
CA PHE A 63 3.38 -5.60 21.83
C PHE A 63 3.51 -6.65 22.92
N GLU A 64 2.46 -6.83 23.69
CA GLU A 64 2.40 -7.88 24.70
C GLU A 64 1.23 -8.82 24.42
N GLY A 65 1.55 -10.04 24.01
CA GLY A 65 0.54 -11.04 23.75
C GLY A 65 -0.16 -11.46 25.03
N ASP A 66 -1.31 -12.11 24.90
CA ASP A 66 -2.07 -12.53 26.07
C ASP A 66 -1.37 -13.68 26.80
N ASP A 67 -0.40 -14.28 26.14
CA ASP A 67 0.36 -15.38 26.73
C ASP A 67 1.68 -14.93 27.35
N GLY A 68 1.89 -13.62 27.41
CA GLY A 68 3.08 -13.07 28.03
C GLY A 68 4.21 -12.79 27.07
N PHE A 69 4.06 -13.20 25.81
CA PHE A 69 5.09 -12.96 24.80
C PHE A 69 5.18 -11.49 24.43
N CYS A 70 6.39 -10.94 24.47
CA CYS A 70 6.60 -9.53 24.17
C CYS A 70 7.57 -9.31 23.01
N VAL A 71 7.24 -8.32 22.18
CA VAL A 71 8.08 -7.92 21.06
C VAL A 71 8.01 -6.39 20.92
N PHE A 72 9.16 -5.75 20.67
CA PHE A 72 9.27 -4.30 20.90
C PHE A 72 9.65 -3.41 19.72
N GLU A 73 9.66 -3.95 18.50
CA GLU A 73 10.00 -3.14 17.32
C GLU A 73 8.88 -3.25 16.26
N SER A 74 8.62 -2.16 15.55
CA SER A 74 7.44 -2.05 14.68
C SER A 74 7.32 -3.14 13.60
N ASN A 75 8.38 -3.37 12.84
CA ASN A 75 8.38 -4.42 11.82
C ASN A 75 8.12 -5.80 12.42
N ALA A 76 8.68 -6.03 13.61
CA ALA A 76 8.55 -7.32 14.27
C ALA A 76 7.14 -7.58 14.80
N ILE A 77 6.47 -6.54 15.30
CA ILE A 77 5.09 -6.64 15.73
C ILE A 77 4.19 -6.97 14.53
N ALA A 78 4.44 -6.29 13.41
CA ALA A 78 3.68 -6.48 12.18
C ALA A 78 3.88 -7.88 11.61
N TYR A 79 5.11 -8.37 11.64
CA TYR A 79 5.41 -9.75 11.22
C TYR A 79 4.61 -10.72 12.08
N TYR A 80 4.67 -10.50 13.38
CA TYR A 80 4.12 -11.45 14.34
C TYR A 80 2.61 -11.61 14.23
N VAL A 81 1.91 -10.51 14.02
CA VAL A 81 0.45 -10.53 13.91
C VAL A 81 -0.01 -10.76 12.47
N SER A 82 0.95 -10.98 11.57
CA SER A 82 0.64 -11.25 10.18
C SER A 82 0.28 -12.72 9.95
N ASN A 83 0.01 -13.07 8.70
CA ASN A 83 -0.14 -14.45 8.31
C ASN A 83 0.94 -14.83 7.30
N GLU A 84 0.92 -16.07 6.82
CA GLU A 84 1.92 -16.55 5.87
C GLU A 84 1.92 -15.73 4.58
N GLU A 85 0.71 -15.39 4.11
CA GLU A 85 0.55 -14.62 2.88
C GLU A 85 1.27 -13.27 2.94
N LEU A 86 1.09 -12.54 4.04
CA LEU A 86 1.75 -11.25 4.23
C LEU A 86 3.25 -11.41 4.43
N ARG A 87 3.64 -12.42 5.20
CA ARG A 87 5.06 -12.67 5.49
C ARG A 87 5.83 -13.12 4.26
N GLY A 88 5.12 -13.80 3.36
CA GLY A 88 5.75 -14.43 2.20
C GLY A 88 5.67 -15.94 2.32
N SER A 89 4.93 -16.57 1.42
CA SER A 89 4.68 -18.01 1.48
C SER A 89 5.86 -18.85 1.01
N THR A 90 6.68 -18.28 0.12
CA THR A 90 7.90 -18.92 -0.33
C THR A 90 9.10 -18.15 0.21
N PRO A 91 10.27 -18.81 0.28
CA PRO A 91 11.49 -18.09 0.67
C PRO A 91 11.79 -16.90 -0.26
N GLU A 92 11.48 -17.04 -1.54
CA GLU A 92 11.63 -15.93 -2.49
C GLU A 92 10.74 -14.76 -2.11
N ALA A 93 9.46 -15.05 -1.87
CA ALA A 93 8.49 -14.03 -1.51
C ALA A 93 8.82 -13.39 -0.16
N ALA A 94 9.30 -14.20 0.78
CA ALA A 94 9.65 -13.73 2.11
C ALA A 94 10.93 -12.88 2.09
N ALA A 95 11.87 -13.24 1.22
CA ALA A 95 13.08 -12.44 1.05
C ALA A 95 12.69 -11.08 0.47
N GLN A 96 11.74 -11.10 -0.48
CA GLN A 96 11.27 -9.87 -1.11
C GLN A 96 10.54 -8.95 -0.13
N VAL A 97 9.83 -9.54 0.83
CA VAL A 97 9.18 -8.76 1.88
C VAL A 97 10.21 -8.03 2.72
N VAL A 98 11.19 -8.77 3.23
CA VAL A 98 12.29 -8.21 4.01
C VAL A 98 12.99 -7.10 3.23
N GLN A 99 13.13 -7.31 1.93
CA GLN A 99 13.76 -6.35 1.03
C GLN A 99 13.10 -4.98 1.08
N TRP A 100 11.78 -4.95 0.91
CA TRP A 100 11.04 -3.69 0.89
C TRP A 100 10.89 -3.06 2.27
N VAL A 101 10.79 -3.91 3.28
CA VAL A 101 10.74 -3.45 4.67
C VAL A 101 12.04 -2.77 5.06
N SER A 102 13.16 -3.42 4.74
CA SER A 102 14.48 -2.84 4.98
C SER A 102 14.71 -1.60 4.12
N PHE A 103 14.21 -1.62 2.88
CA PHE A 103 14.31 -0.45 2.00
C PHE A 103 13.54 0.72 2.61
N ALA A 104 12.37 0.43 3.15
CA ALA A 104 11.56 1.46 3.79
C ALA A 104 12.29 2.08 4.98
N ASP A 105 12.88 1.22 5.80
CA ASP A 105 13.59 1.66 7.01
C ASP A 105 14.86 2.45 6.72
N SER A 106 15.65 2.01 5.75
CA SER A 106 16.97 2.60 5.50
C SER A 106 16.94 3.74 4.50
N ASP A 107 16.10 3.63 3.48
CA ASP A 107 16.10 4.59 2.38
C ASP A 107 15.02 5.66 2.46
N ILE A 108 13.85 5.29 2.97
CA ILE A 108 12.72 6.23 3.01
C ILE A 108 12.60 7.02 4.32
N VAL A 109 12.67 6.32 5.45
CA VAL A 109 12.51 6.95 6.76
C VAL A 109 13.37 8.20 7.01
N PRO A 110 14.69 8.14 6.75
CA PRO A 110 15.46 9.35 7.03
C PRO A 110 15.16 10.59 6.16
N PRO A 111 15.19 10.48 4.82
CA PRO A 111 14.96 11.73 4.06
C PRO A 111 13.52 12.21 4.14
N ALA A 112 12.59 11.31 4.46
CA ALA A 112 11.21 11.71 4.72
C ALA A 112 11.14 12.48 6.04
N SER A 113 11.91 12.02 7.02
CA SER A 113 12.01 12.68 8.31
C SER A 113 12.60 14.09 8.16
N THR A 114 13.68 14.20 7.40
CA THR A 114 14.36 15.49 7.18
C THR A 114 13.44 16.49 6.47
N TRP A 115 12.73 16.05 5.44
CA TRP A 115 11.78 16.89 4.78
C TRP A 115 10.52 17.20 5.57
N VAL A 116 9.89 16.18 6.13
CA VAL A 116 8.67 16.38 6.89
C VAL A 116 8.74 17.03 8.25
N PHE A 117 9.75 16.73 9.03
CA PHE A 117 9.75 17.19 10.42
C PHE A 117 9.71 18.70 10.43
N PRO A 118 10.39 19.33 9.39
CA PRO A 118 10.29 20.80 9.42
C PRO A 118 8.88 21.35 9.18
N THR A 119 8.12 20.76 8.29
CA THR A 119 6.76 21.20 8.06
C THR A 119 5.99 20.98 9.34
N LEU A 120 6.39 19.95 10.07
CA LEU A 120 5.81 19.67 11.36
C LEU A 120 6.49 20.48 12.43
N GLY A 121 7.68 20.94 12.17
CA GLY A 121 8.40 21.76 13.12
C GLY A 121 9.17 20.91 14.10
N ILE A 122 9.21 19.61 13.86
CA ILE A 122 9.87 18.67 14.74
C ILE A 122 11.38 18.75 14.58
N MSE A 123 11.81 19.37 13.49
CA MSE A 123 13.21 19.40 13.18
C MSE A 123 13.73 20.80 13.22
O MSE A 123 13.26 21.60 14.04
CB MSE A 123 13.31 18.82 11.77
CG MSE A 123 13.72 17.36 11.80
SE MSE A 123 15.39 17.12 10.80
CE MSE A 123 14.87 17.63 8.98
N HIS A 124 14.70 21.09 12.37
CA HIS A 124 15.23 22.40 12.11
C HIS A 124 15.51 22.40 10.63
N HIS A 125 15.01 23.41 9.93
CA HIS A 125 15.08 23.46 8.47
C HIS A 125 16.41 23.96 7.94
N ASN A 126 17.11 23.11 7.23
CA ASN A 126 18.31 23.54 6.56
C ASN A 126 18.04 23.42 5.09
N LYS A 127 17.79 24.54 4.48
CA LYS A 127 17.26 24.64 3.12
C LYS A 127 18.01 23.72 2.14
N GLN A 128 19.27 23.44 2.43
CA GLN A 128 20.04 22.50 1.63
C GLN A 128 19.66 21.06 1.95
N ALA A 129 19.70 20.70 3.24
CA ALA A 129 19.29 19.36 3.68
C ALA A 129 17.87 19.03 3.23
N THR A 130 16.93 19.90 3.60
CA THR A 130 15.53 19.78 3.19
C THR A 130 15.35 19.60 1.67
N GLU A 131 16.14 20.33 0.88
CA GLU A 131 16.07 20.22 -0.58
C GLU A 131 16.73 18.93 -1.08
N ASN A 132 17.79 18.50 -0.40
CA ASN A 132 18.42 17.22 -0.72
C ASN A 132 17.51 16.07 -0.36
N ALA A 133 16.78 16.22 0.75
CA ALA A 133 15.80 15.23 1.17
C ALA A 133 14.72 15.10 0.11
N LYS A 134 14.33 16.22 -0.46
CA LYS A 134 13.35 16.26 -1.56
C LYS A 134 13.81 15.39 -2.73
N GLU A 135 15.03 15.60 -3.13
CA GLU A 135 15.58 14.86 -4.22
C GLU A 135 15.67 13.41 -3.84
N GLU A 136 15.95 13.11 -2.58
CA GLU A 136 16.05 11.74 -2.14
C GLU A 136 14.70 11.06 -2.30
N VAL A 137 13.67 11.76 -1.88
CA VAL A 137 12.33 11.27 -1.94
C VAL A 137 11.93 11.10 -3.37
N ARG A 138 12.35 12.03 -4.20
CA ARG A 138 12.02 11.94 -5.60
C ARG A 138 12.64 10.71 -6.16
N ARG A 139 13.85 10.42 -5.76
CA ARG A 139 14.53 9.22 -6.23
C ARG A 139 13.77 7.98 -5.80
N ILE A 140 13.30 7.97 -4.57
CA ILE A 140 12.57 6.85 -4.06
C ILE A 140 11.27 6.64 -4.83
N LEU A 141 10.58 7.74 -5.09
CA LEU A 141 9.31 7.65 -5.74
C LEU A 141 9.58 7.10 -7.10
N GLY A 142 10.65 7.56 -7.71
CA GLY A 142 10.99 7.11 -9.03
C GLY A 142 11.31 5.65 -9.12
N LEU A 143 12.02 5.17 -8.13
CA LEU A 143 12.35 3.77 -8.08
C LEU A 143 11.10 2.92 -7.91
N LEU A 144 10.19 3.34 -7.06
CA LEU A 144 8.97 2.59 -6.87
C LEU A 144 8.15 2.56 -8.14
N ASP A 145 8.13 3.69 -8.82
CA ASP A 145 7.33 3.88 -10.03
C ASP A 145 7.76 2.95 -11.16
N ALA A 146 9.07 2.84 -11.36
CA ALA A 146 9.61 1.97 -12.40
C ALA A 146 9.40 0.50 -12.08
N TYR A 147 9.43 0.17 -10.78
CA TYR A 147 9.22 -1.20 -10.33
C TYR A 147 7.76 -1.59 -10.49
N LEU A 148 6.87 -0.66 -10.14
CA LEU A 148 5.43 -0.93 -10.16
C LEU A 148 4.79 -0.72 -11.53
N LYS A 149 5.62 -0.46 -12.54
CA LYS A 149 5.11 -0.28 -13.90
C LYS A 149 4.45 -1.55 -14.40
N THR A 150 4.97 -2.70 -13.95
CA THR A 150 4.48 -4.01 -14.36
C THR A 150 3.83 -4.77 -13.21
N ARG A 151 3.67 -4.11 -12.06
CA ARG A 151 3.14 -4.77 -10.87
C ARG A 151 2.01 -4.01 -10.20
N THR A 152 1.07 -4.76 -9.62
CA THR A 152 -0.04 -4.17 -8.87
C THR A 152 0.38 -3.96 -7.41
N PHE A 153 1.07 -4.97 -6.88
CA PHE A 153 1.66 -4.86 -5.54
C PHE A 153 3.14 -5.22 -5.59
N LEU A 154 3.86 -4.98 -4.50
CA LEU A 154 5.31 -5.13 -4.49
C LEU A 154 5.79 -6.58 -4.59
N VAL A 155 5.10 -7.49 -3.93
CA VAL A 155 5.48 -8.89 -3.93
C VAL A 155 4.32 -9.79 -4.36
N GLY A 156 4.54 -10.58 -5.42
CA GLY A 156 3.50 -11.44 -5.95
C GLY A 156 2.35 -10.63 -6.53
N GLU A 157 1.14 -11.17 -6.43
CA GLU A 157 -0.05 -10.48 -6.92
C GLU A 157 -1.03 -10.18 -5.81
N ARG A 158 -0.55 -10.18 -4.58
CA ARG A 158 -1.37 -9.88 -3.40
C ARG A 158 -0.64 -8.91 -2.48
N VAL A 159 -1.40 -8.18 -1.66
CA VAL A 159 -0.81 -7.31 -0.64
C VAL A 159 0.03 -8.12 0.33
N THR A 160 1.23 -7.64 0.66
CA THR A 160 2.07 -8.27 1.67
C THR A 160 2.51 -7.24 2.70
N LEU A 161 3.39 -7.67 3.61
CA LEU A 161 3.99 -6.75 4.56
C LEU A 161 4.81 -5.68 3.84
N ALA A 162 5.19 -5.97 2.60
CA ALA A 162 5.94 -5.01 1.79
C ALA A 162 5.14 -3.75 1.50
N ASP A 163 3.95 -3.91 0.91
CA ASP A 163 3.09 -2.78 0.60
C ASP A 163 2.62 -2.06 1.86
N ILE A 164 2.25 -2.84 2.87
CA ILE A 164 1.80 -2.29 4.15
C ILE A 164 2.87 -1.42 4.80
N THR A 165 4.10 -1.94 4.83
CA THR A 165 5.22 -1.21 5.44
C THR A 165 5.59 0.05 4.66
N VAL A 166 5.68 -0.07 3.33
CA VAL A 166 6.06 1.08 2.50
C VAL A 166 4.99 2.18 2.50
N VAL A 167 3.72 1.78 2.40
CA VAL A 167 2.62 2.74 2.42
C VAL A 167 2.60 3.57 3.70
N CYS A 168 2.65 2.88 4.85
CA CYS A 168 2.66 3.54 6.14
C CYS A 168 3.86 4.45 6.30
N THR A 169 4.98 4.07 5.68
CA THR A 169 6.20 4.86 5.74
C THR A 169 6.08 6.11 4.85
N LEU A 170 5.37 5.98 3.75
CA LEU A 170 5.14 7.10 2.82
C LEU A 170 3.91 7.90 3.21
N LEU A 171 3.22 7.48 4.27
CA LEU A 171 1.93 8.06 4.64
C LEU A 171 2.01 9.56 4.89
N TRP A 172 3.01 9.98 5.67
CA TRP A 172 3.12 11.38 6.04
C TRP A 172 3.52 12.27 4.88
N LEU A 173 4.42 11.78 4.03
CA LEU A 173 4.81 12.48 2.82
C LEU A 173 3.59 12.79 1.96
N TYR A 174 2.87 11.73 1.58
CA TYR A 174 1.68 11.86 0.74
C TYR A 174 0.61 12.77 1.31
N LYS A 175 0.50 12.79 2.64
CA LYS A 175 -0.53 13.58 3.30
C LYS A 175 -0.18 15.07 3.35
N GLN A 176 1.05 15.37 3.73
CA GLN A 176 1.42 16.74 4.07
C GLN A 176 2.21 17.50 3.01
N VAL A 177 2.96 16.74 2.22
CA VAL A 177 3.94 17.33 1.34
C VAL A 177 3.94 16.98 -0.15
N LEU A 178 3.48 15.81 -0.54
CA LEU A 178 3.54 15.42 -1.94
C LEU A 178 2.38 15.96 -2.72
N GLU A 179 2.43 17.26 -2.97
CA GLU A 179 1.40 17.97 -3.69
C GLU A 179 1.42 17.59 -5.15
N PRO A 180 0.24 17.89 -5.85
CA PRO A 180 0.13 17.22 -7.15
C PRO A 180 1.23 17.48 -8.15
N SER A 181 1.69 18.70 -8.18
CA SER A 181 2.76 19.08 -9.09
C SER A 181 4.01 18.22 -8.90
N PHE A 182 4.21 17.77 -7.68
CA PHE A 182 5.42 17.05 -7.29
C PHE A 182 5.31 15.55 -7.57
N ARG A 183 4.12 15.00 -7.41
CA ARG A 183 3.91 13.55 -7.49
C ARG A 183 3.46 13.09 -8.88
N GLN A 184 3.31 14.02 -9.79
CA GLN A 184 2.83 13.72 -11.14
C GLN A 184 3.86 12.97 -11.98
N ALA A 185 5.12 13.06 -11.60
CA ALA A 185 6.20 12.37 -12.30
C ALA A 185 6.21 10.88 -11.98
N PHE A 186 5.39 10.47 -11.02
CA PHE A 186 5.33 9.08 -10.59
C PHE A 186 3.89 8.56 -10.52
N PRO A 187 3.26 8.37 -11.69
CA PRO A 187 1.85 7.97 -11.73
C PRO A 187 1.62 6.54 -11.21
N ASN A 188 2.60 5.66 -11.42
CA ASN A 188 2.46 4.27 -10.98
C ASN A 188 2.53 4.10 -9.47
N THR A 189 3.39 4.88 -8.81
CA THR A 189 3.50 4.84 -7.36
C THR A 189 2.22 5.38 -6.72
N ASN A 190 1.66 6.44 -7.30
CA ASN A 190 0.43 7.03 -6.80
C ASN A 190 -0.78 6.10 -7.00
N ARG A 191 -0.84 5.44 -8.16
CA ARG A 191 -1.88 4.46 -8.43
C ARG A 191 -1.78 3.33 -7.40
N TRP A 192 -0.56 2.87 -7.16
CA TRP A 192 -0.29 1.84 -6.16
C TRP A 192 -0.64 2.31 -4.76
N PHE A 193 -0.27 3.54 -4.43
CA PHE A 193 -0.53 4.10 -3.12
C PHE A 193 -2.02 4.23 -2.87
N LEU A 194 -2.74 4.75 -3.84
CA LEU A 194 -4.19 4.91 -3.73
C LEU A 194 -4.91 3.57 -3.62
N THR A 195 -4.50 2.61 -4.43
CA THR A 195 -5.06 1.26 -4.39
C THR A 195 -4.89 0.66 -3.01
N CYS A 196 -3.68 0.75 -2.47
CA CYS A 196 -3.36 0.16 -1.17
C CYS A 196 -4.20 0.73 -0.04
N ILE A 197 -4.16 2.05 0.13
CA ILE A 197 -4.89 2.70 1.23
C ILE A 197 -6.40 2.59 1.09
N ASN A 198 -6.86 2.16 -0.08
CA ASN A 198 -8.30 1.98 -0.32
C ASN A 198 -8.76 0.53 -0.15
N GLN A 199 -7.82 -0.37 0.09
CA GLN A 199 -8.16 -1.74 0.47
C GLN A 199 -8.92 -1.66 1.79
N PRO A 200 -9.95 -2.50 1.95
CA PRO A 200 -10.79 -2.47 3.16
C PRO A 200 -9.95 -2.58 4.43
N GLN A 201 -8.93 -3.43 4.39
CA GLN A 201 -8.03 -3.64 5.51
C GLN A 201 -7.25 -2.38 5.90
N PHE A 202 -6.68 -1.71 4.90
CA PHE A 202 -5.97 -0.44 5.13
C PHE A 202 -6.94 0.61 5.64
N ARG A 203 -8.12 0.64 5.03
CA ARG A 203 -9.10 1.68 5.30
C ARG A 203 -9.59 1.68 6.74
N ALA A 204 -9.75 0.49 7.31
CA ALA A 204 -10.22 0.33 8.68
C ALA A 204 -9.26 0.93 9.71
N VAL A 205 -8.02 1.16 9.29
CA VAL A 205 -6.99 1.73 10.18
C VAL A 205 -6.66 3.17 9.80
N LEU A 206 -6.40 3.41 8.52
CA LEU A 206 -6.01 4.73 8.04
C LEU A 206 -7.19 5.71 7.96
N GLY A 207 -8.37 5.20 7.65
CA GLY A 207 -9.52 6.04 7.34
C GLY A 207 -9.33 6.63 5.95
N GLU A 208 -10.18 7.58 5.56
CA GLU A 208 -10.00 8.25 4.28
C GLU A 208 -8.70 9.05 4.29
N VAL A 209 -7.87 8.85 3.27
CA VAL A 209 -6.57 9.53 3.19
C VAL A 209 -6.55 10.61 2.12
N LYS A 210 -6.41 11.85 2.54
CA LYS A 210 -6.43 12.99 1.63
C LYS A 210 -5.02 13.37 1.20
N LEU A 211 -4.74 13.21 -0.10
CA LEU A 211 -3.43 13.53 -0.65
C LEU A 211 -3.17 15.03 -0.54
N CYS A 212 -1.93 15.40 -0.30
CA CYS A 212 -1.55 16.77 -0.13
C CYS A 212 -1.91 17.61 -1.35
N GLU A 213 -2.88 18.47 -1.17
CA GLU A 213 -3.20 19.49 -2.16
C GLU A 213 -2.16 20.57 -2.33
N LYS A 214 -1.64 21.04 -1.22
CA LYS A 214 -0.60 22.06 -1.28
C LYS A 214 0.50 21.76 -0.28
N MSE A 215 1.72 21.94 -0.72
CA MSE A 215 2.86 21.58 0.07
C MSE A 215 2.83 22.31 1.36
O MSE A 215 2.42 23.48 1.43
CB MSE A 215 4.10 22.12 -0.59
CG MSE A 215 5.00 21.03 -1.12
SE MSE A 215 6.85 21.39 -0.62
CE MSE A 215 7.68 21.28 -2.39
N ALA A 216 3.26 21.63 2.39
CA ALA A 216 3.35 22.22 3.70
C ALA A 216 4.80 22.53 3.91
N GLY B 4 -17.35 1.92 -22.99
CA GLY B 4 -16.63 0.78 -23.50
C GLY B 4 -15.23 1.12 -23.99
N PHE B 5 -14.42 0.09 -24.17
CA PHE B 5 -13.06 0.28 -24.67
C PHE B 5 -13.01 0.17 -26.18
N GLY B 6 -14.12 -0.26 -26.78
CA GLY B 6 -14.14 -0.63 -28.18
C GLY B 6 -13.79 -2.10 -28.29
N ASP B 7 -13.19 -2.50 -29.41
CA ASP B 7 -12.80 -3.90 -29.63
C ASP B 7 -11.55 -4.26 -28.81
N LEU B 8 -11.76 -5.04 -27.74
CA LEU B 8 -10.69 -5.43 -26.83
C LEU B 8 -9.72 -6.45 -27.44
N LYS B 9 -9.91 -6.76 -28.71
CA LYS B 9 -9.01 -7.64 -29.43
C LYS B 9 -8.30 -6.90 -30.55
N SER B 10 -8.42 -5.57 -30.51
CA SER B 10 -7.75 -4.68 -31.44
C SER B 10 -6.76 -3.79 -30.68
N PRO B 11 -5.76 -3.23 -31.37
CA PRO B 11 -4.77 -2.37 -30.73
C PRO B 11 -5.37 -1.12 -30.09
N ALA B 12 -6.11 -0.35 -30.87
CA ALA B 12 -6.71 0.90 -30.38
C ALA B 12 -7.60 0.70 -29.15
N GLY B 13 -8.26 -0.45 -29.07
CA GLY B 13 -9.05 -0.80 -27.91
C GLY B 13 -8.18 -1.07 -26.71
N LEU B 14 -7.07 -1.77 -26.94
CA LEU B 14 -6.09 -2.04 -25.89
C LEU B 14 -5.41 -0.76 -25.42
N GLN B 15 -5.31 0.22 -26.31
CA GLN B 15 -4.71 1.51 -25.98
C GLN B 15 -5.68 2.32 -25.11
N VAL B 16 -6.97 2.14 -25.35
CA VAL B 16 -7.99 2.78 -24.50
C VAL B 16 -8.05 2.07 -23.15
N LEU B 17 -7.96 0.75 -23.17
CA LEU B 17 -7.89 -0.02 -21.93
C LEU B 17 -6.64 0.35 -21.14
N ASN B 18 -5.52 0.56 -21.83
CA ASN B 18 -4.27 0.90 -21.18
C ASN B 18 -4.30 2.28 -20.53
N ASP B 19 -4.78 3.26 -21.28
CA ASP B 19 -4.88 4.63 -20.77
C ASP B 19 -5.87 4.71 -19.61
N TYR B 20 -6.91 3.88 -19.67
CA TYR B 20 -7.91 3.81 -18.60
C TYR B 20 -7.32 3.23 -17.33
N LEU B 21 -6.33 2.36 -17.47
CA LEU B 21 -5.74 1.66 -16.33
C LEU B 21 -4.52 2.36 -15.73
N ALA B 22 -4.13 3.49 -16.32
CA ALA B 22 -2.97 4.25 -15.85
C ALA B 22 -3.07 4.63 -14.38
N ASP B 23 -4.28 4.99 -13.94
CA ASP B 23 -4.51 5.41 -12.57
C ASP B 23 -5.39 4.40 -11.82
N LYS B 24 -5.45 3.18 -12.34
CA LYS B 24 -6.33 2.15 -11.79
C LYS B 24 -5.66 0.79 -11.64
N SER B 25 -6.15 0.01 -10.67
CA SER B 25 -5.68 -1.36 -10.48
C SER B 25 -6.74 -2.36 -10.94
N TYR B 26 -7.98 -1.90 -10.99
CA TYR B 26 -9.11 -2.72 -11.43
C TYR B 26 -10.07 -1.93 -12.32
N ILE B 27 -10.95 -2.65 -13.02
CA ILE B 27 -11.92 -2.01 -13.91
C ILE B 27 -12.93 -1.16 -13.11
N GLU B 28 -13.40 -1.72 -11.99
CA GLU B 28 -14.29 -0.99 -11.10
C GLU B 28 -13.78 -1.02 -9.65
N GLY B 29 -13.56 0.17 -9.09
CA GLY B 29 -13.17 0.28 -7.69
C GLY B 29 -11.73 -0.07 -7.40
N TYR B 30 -11.48 -0.55 -6.18
CA TYR B 30 -10.14 -0.84 -5.70
C TYR B 30 -9.94 -2.30 -5.33
N VAL B 31 -10.92 -3.14 -5.66
CA VAL B 31 -10.83 -4.58 -5.43
C VAL B 31 -11.33 -5.32 -6.67
N PRO B 32 -10.84 -6.55 -6.91
CA PRO B 32 -11.26 -7.29 -8.09
C PRO B 32 -12.75 -7.60 -8.07
N SER B 33 -13.40 -7.53 -9.23
CA SER B 33 -14.82 -7.82 -9.34
C SER B 33 -15.12 -8.58 -10.63
N GLN B 34 -16.40 -8.86 -10.87
CA GLN B 34 -16.82 -9.50 -12.10
C GLN B 34 -16.53 -8.62 -13.30
N ALA B 35 -16.47 -7.31 -13.05
CA ALA B 35 -16.08 -6.34 -14.06
C ALA B 35 -14.70 -6.67 -14.62
N ASP B 36 -13.79 -7.06 -13.73
CA ASP B 36 -12.45 -7.47 -14.12
C ASP B 36 -12.48 -8.74 -14.98
N VAL B 37 -13.31 -9.71 -14.59
CA VAL B 37 -13.38 -11.01 -15.28
C VAL B 37 -13.86 -10.88 -16.74
N ALA B 38 -14.85 -10.02 -16.96
CA ALA B 38 -15.45 -9.88 -18.29
C ALA B 38 -14.51 -9.22 -19.30
N VAL B 39 -13.90 -8.10 -18.91
CA VAL B 39 -12.91 -7.43 -19.76
C VAL B 39 -11.72 -8.36 -19.99
N PHE B 40 -11.35 -9.10 -18.95
CA PHE B 40 -10.25 -10.06 -19.00
C PHE B 40 -10.49 -11.14 -20.07
N GLU B 41 -11.67 -11.74 -20.04
CA GLU B 41 -12.02 -12.79 -21.01
C GLU B 41 -12.13 -12.23 -22.42
N ALA B 42 -12.42 -10.94 -22.52
CA ALA B 42 -12.53 -10.27 -23.81
C ALA B 42 -11.16 -9.97 -24.41
N VAL B 43 -10.19 -9.61 -23.55
CA VAL B 43 -8.83 -9.39 -23.99
C VAL B 43 -8.21 -10.69 -24.49
N SER B 44 -8.50 -11.78 -23.78
CA SER B 44 -8.16 -13.14 -24.22
C SER B 44 -6.68 -13.55 -24.18
N SER B 45 -5.78 -12.58 -24.31
CA SER B 45 -4.35 -12.88 -24.34
C SER B 45 -3.54 -11.67 -23.89
N PRO B 46 -2.37 -11.90 -23.26
CA PRO B 46 -1.51 -10.84 -22.72
C PRO B 46 -1.27 -9.69 -23.67
N PRO B 47 -1.68 -8.48 -23.27
CA PRO B 47 -1.41 -7.25 -24.03
C PRO B 47 0.09 -7.07 -24.22
N PRO B 48 0.50 -6.35 -25.28
CA PRO B 48 1.93 -6.11 -25.49
C PRO B 48 2.53 -5.35 -24.31
N ALA B 49 3.80 -5.58 -24.01
CA ALA B 49 4.43 -4.99 -22.83
C ALA B 49 4.48 -3.46 -22.87
N ASP B 50 4.39 -2.90 -24.08
CA ASP B 50 4.42 -1.45 -24.26
C ASP B 50 3.13 -0.82 -23.74
N LEU B 51 2.08 -1.64 -23.63
CA LEU B 51 0.86 -1.24 -22.96
C LEU B 51 0.96 -1.64 -21.49
N CYS B 52 1.91 -1.02 -20.79
CA CYS B 52 2.31 -1.41 -19.42
C CYS B 52 1.16 -1.60 -18.44
N HIS B 53 0.27 -0.62 -18.35
CA HIS B 53 -0.84 -0.66 -17.41
C HIS B 53 -1.84 -1.78 -17.75
N ALA B 54 -2.03 -2.03 -19.04
CA ALA B 54 -2.91 -3.08 -19.50
C ALA B 54 -2.36 -4.47 -19.17
N LEU B 55 -1.08 -4.68 -19.43
CA LEU B 55 -0.43 -5.96 -19.15
C LEU B 55 -0.34 -6.25 -17.65
N ARG B 56 0.03 -5.21 -16.89
CA ARG B 56 0.11 -5.30 -15.44
C ARG B 56 -1.21 -5.76 -14.83
N TRP B 57 -2.29 -5.12 -15.27
CA TRP B 57 -3.64 -5.47 -14.85
C TRP B 57 -4.00 -6.89 -15.28
N TYR B 58 -3.54 -7.27 -16.47
CA TYR B 58 -3.82 -8.60 -17.03
C TYR B 58 -3.24 -9.70 -16.15
N ASN B 59 -1.95 -9.58 -15.83
CA ASN B 59 -1.27 -10.55 -14.97
C ASN B 59 -1.88 -10.63 -13.58
N HIS B 60 -2.42 -9.51 -13.11
CA HIS B 60 -3.05 -9.45 -11.79
C HIS B 60 -4.35 -10.24 -11.75
N ILE B 61 -5.22 -10.00 -12.75
CA ILE B 61 -6.49 -10.70 -12.83
C ILE B 61 -6.29 -12.18 -13.15
N LYS B 62 -5.28 -12.46 -13.98
CA LYS B 62 -4.95 -13.85 -14.33
C LYS B 62 -4.63 -14.66 -13.07
N SER B 63 -4.05 -13.99 -12.08
CA SER B 63 -3.74 -14.61 -10.79
C SER B 63 -5.01 -14.94 -10.01
N TYR B 64 -6.15 -14.45 -10.50
CA TYR B 64 -7.44 -14.69 -9.85
C TYR B 64 -8.34 -15.66 -10.59
N GLU B 65 -7.88 -16.18 -11.73
CA GLU B 65 -8.74 -16.98 -12.61
C GLU B 65 -9.29 -18.25 -11.96
N LYS B 66 -8.51 -18.86 -11.07
CA LYS B 66 -8.94 -20.08 -10.40
C LYS B 66 -10.12 -19.85 -9.45
N GLU B 67 -10.38 -18.59 -9.12
CA GLU B 67 -11.49 -18.20 -8.26
C GLU B 67 -12.33 -17.08 -8.87
N LYS B 68 -12.58 -17.18 -10.18
CA LYS B 68 -13.26 -16.12 -10.92
C LYS B 68 -14.73 -15.91 -10.53
N ALA B 69 -15.48 -17.01 -10.41
CA ALA B 69 -16.91 -16.95 -10.11
C ALA B 69 -17.17 -16.49 -8.68
N SER B 70 -16.15 -16.58 -7.84
CA SER B 70 -16.24 -16.15 -6.45
C SER B 70 -16.10 -14.63 -6.32
N LEU B 71 -15.61 -13.99 -7.39
CA LEU B 71 -15.47 -12.53 -7.41
C LEU B 71 -16.85 -11.86 -7.36
N PRO B 72 -16.99 -10.82 -6.53
CA PRO B 72 -18.26 -10.12 -6.32
C PRO B 72 -18.70 -9.31 -7.53
N GLY B 73 -19.92 -8.77 -7.47
CA GLY B 73 -20.48 -8.02 -8.58
C GLY B 73 -21.13 -8.95 -9.59
N VAL B 74 -21.74 -8.36 -10.62
CA VAL B 74 -22.32 -9.14 -11.71
C VAL B 74 -21.87 -8.61 -13.07
N LYS B 75 -21.68 -9.54 -14.02
CA LYS B 75 -21.22 -9.19 -15.36
C LYS B 75 -22.15 -8.20 -16.05
N LYS B 76 -21.56 -7.21 -16.71
CA LYS B 76 -22.33 -6.27 -17.52
C LYS B 76 -21.88 -6.33 -18.97
N ALA B 77 -22.64 -5.69 -19.86
CA ALA B 77 -22.22 -5.55 -21.24
C ALA B 77 -20.90 -4.79 -21.30
N LEU B 78 -19.98 -5.25 -22.14
CA LEU B 78 -18.64 -4.66 -22.25
C LEU B 78 -18.65 -3.13 -22.44
N GLY B 79 -19.72 -2.63 -23.05
CA GLY B 79 -19.85 -1.20 -23.27
C GLY B 79 -20.06 -0.40 -22.00
N LYS B 80 -20.49 -1.07 -20.94
CA LYS B 80 -20.72 -0.40 -19.66
C LYS B 80 -19.45 -0.20 -18.85
N TYR B 81 -18.37 -0.82 -19.30
CA TYR B 81 -17.10 -0.75 -18.57
C TYR B 81 -16.20 0.38 -19.08
N GLY B 82 -15.36 0.89 -18.18
CA GLY B 82 -14.42 1.94 -18.54
C GLY B 82 -15.09 3.27 -18.83
N PRO B 83 -14.56 3.98 -19.80
CA PRO B 83 -15.03 5.31 -20.14
C PRO B 83 -16.46 5.26 -20.58
N ALA B 84 -17.24 6.24 -20.17
CA ALA B 84 -18.61 6.33 -20.60
C ALA B 84 -18.72 6.56 -22.11
N ASP B 85 -19.62 5.83 -22.74
CA ASP B 85 -19.91 6.08 -24.15
C ASP B 85 -20.91 7.18 -24.22
N VAL B 86 -20.67 8.16 -25.06
CA VAL B 86 -21.56 9.30 -25.15
C VAL B 86 -22.93 8.88 -25.66
N GLU B 87 -22.94 7.98 -26.63
CA GLU B 87 -24.17 7.45 -27.15
C GLU B 87 -24.35 6.09 -26.55
N ASP B 88 -25.23 5.98 -25.58
CA ASP B 88 -25.34 4.77 -24.82
C ASP B 88 -26.78 4.41 -24.69
N THR B 89 -27.07 3.13 -24.77
CA THR B 89 -28.42 2.67 -24.62
C THR B 89 -28.62 2.20 -23.20
N THR B 90 -29.74 2.63 -22.65
CA THR B 90 -30.13 2.38 -21.29
C THR B 90 -29.47 3.36 -20.34
#